data_8TRY
#
_entry.id   8TRY
#
_cell.length_a   54.862
_cell.length_b   96.623
_cell.length_c   130.973
_cell.angle_alpha   90.00
_cell.angle_beta   90.00
_cell.angle_gamma   90.00
#
_symmetry.space_group_name_H-M   'P 21 21 21'
#
loop_
_entity.id
_entity.type
_entity.pdbx_description
1 polymer 'Polyketide synthase Pks13'
2 non-polymer N-{(2S,3S)-4-[3-(dimethylamino)-1,2,4-oxadiazol-5-yl]-3-hydroxy-1-phenylbutan-2-yl}-4-(2-methylbutan-2-yl)benzene-1-sulfonamide
3 non-polymer 'SULFATE ION'
4 water water
#
_entity_poly.entity_id   1
_entity_poly.type   'polypeptide(L)'
_entity_poly.pdbx_seq_one_letter_code
;SNAQIDGFVRTLRARPEAGGKVPVFVFHPAGGSTVVYEPLLGRLPADTPMYGFERVEGSIEERAQQYVPKLIEMQGDGPY
VLVGWSLGGVLAYACAIGLRRLGKDVRFVGLIDAVRAGEEIPQTKEEIRKRWDRYAAFAEKTFNVTIPAIPYEQLEELDD
EGQVRFVLDAVSQSGVQIPAGIIEHQRTSYLDNRAIDTAQIQPYDGHVTLYMADRYHDDAIMFEPRYAVRQPDGGWGEYV
SDLEVVPIGGEHIQAIDEPIIAKVGEHMSRALGQIEADRTSEVGKQ
;
_entity_poly.pdbx_strand_id   A,B
#
loop_
_chem_comp.id
_chem_comp.type
_chem_comp.name
_chem_comp.formula
QU0 non-polymer N-{(2S,3S)-4-[3-(dimethylamino)-1,2,4-oxadiazol-5-yl]-3-hydroxy-1-phenylbutan-2-yl}-4-(2-methylbutan-2-yl)benzene-1-sulfonamide 'C25 H34 N4 O4 S'
SO4 non-polymer 'SULFATE ION' 'O4 S -2'
#
# COMPACT_ATOMS: atom_id res chain seq x y z
N GLN A 4 -22.89 0.68 -17.85
CA GLN A 4 -23.08 1.76 -16.88
C GLN A 4 -22.40 1.51 -15.51
N ILE A 5 -22.84 0.46 -14.79
CA ILE A 5 -22.18 -0.03 -13.58
C ILE A 5 -21.79 -1.51 -13.67
N ASP A 6 -20.49 -1.77 -13.50
CA ASP A 6 -19.92 -3.11 -13.48
C ASP A 6 -19.19 -3.35 -12.15
N GLY A 7 -19.83 -4.14 -11.28
CA GLY A 7 -19.33 -4.39 -9.95
C GLY A 7 -19.34 -3.08 -9.16
N PHE A 8 -18.14 -2.58 -8.78
CA PHE A 8 -18.06 -1.30 -8.10
C PHE A 8 -17.45 -0.24 -9.02
N VAL A 9 -17.46 -0.51 -10.32
CA VAL A 9 -16.94 0.46 -11.28
C VAL A 9 -18.11 1.10 -12.00
N ARG A 10 -18.14 2.42 -11.95
CA ARG A 10 -19.05 3.19 -12.76
C ARG A 10 -18.35 3.86 -13.94
N THR A 11 -18.88 3.68 -15.15
CA THR A 11 -18.39 4.45 -16.28
C THR A 11 -19.08 5.80 -16.35
N LEU A 12 -18.31 6.88 -16.17
CA LEU A 12 -18.82 8.23 -16.37
C LEU A 12 -18.58 8.67 -17.81
N ARG A 13 -17.42 8.37 -18.34
CA ARG A 13 -17.21 8.45 -19.77
C ARG A 13 -16.32 7.28 -20.17
N ALA A 14 -16.85 6.44 -21.04
CA ALA A 14 -16.14 5.28 -21.54
C ALA A 14 -15.00 5.76 -22.44
N ARG A 15 -13.89 5.03 -22.40
CA ARG A 15 -12.79 5.23 -23.35
C ARG A 15 -13.14 4.60 -24.71
N PRO A 16 -12.53 5.11 -25.81
CA PRO A 16 -12.62 4.41 -27.10
C PRO A 16 -11.97 3.04 -27.08
N GLU A 17 -12.38 2.16 -28.03
CA GLU A 17 -11.81 0.82 -28.20
C GLU A 17 -10.30 0.82 -28.29
N ALA A 18 -9.72 1.83 -28.95
CA ALA A 18 -8.27 1.97 -29.05
C ALA A 18 -7.85 3.43 -29.00
N GLY A 19 -6.58 3.66 -28.61
CA GLY A 19 -6.07 4.99 -28.37
C GLY A 19 -6.91 5.72 -27.31
N GLY A 20 -7.11 7.02 -27.55
CA GLY A 20 -7.88 7.85 -26.65
C GLY A 20 -7.00 8.38 -25.51
N LYS A 21 -7.53 9.40 -24.84
CA LYS A 21 -6.78 10.05 -23.78
C LYS A 21 -6.60 9.12 -22.58
N VAL A 22 -5.65 9.49 -21.72
CA VAL A 22 -5.48 8.86 -20.40
C VAL A 22 -6.71 8.96 -19.53
N PRO A 23 -7.26 7.84 -19.02
CA PRO A 23 -8.45 7.88 -18.18
C PRO A 23 -8.22 8.54 -16.82
N VAL A 24 -9.27 9.15 -16.27
CA VAL A 24 -9.28 9.67 -14.92
C VAL A 24 -10.06 8.73 -14.01
N PHE A 25 -9.39 8.19 -12.97
CA PHE A 25 -10.08 7.37 -11.97
C PHE A 25 -10.47 8.18 -10.73
N VAL A 26 -11.75 8.18 -10.38
CA VAL A 26 -12.28 8.95 -9.26
C VAL A 26 -12.86 7.95 -8.27
N PHE A 27 -12.84 8.31 -6.99
CA PHE A 27 -13.17 7.42 -5.88
C PHE A 27 -14.27 8.07 -5.05
N HIS A 28 -15.28 7.27 -4.67
CA HIS A 28 -16.47 7.83 -4.05
C HIS A 28 -16.11 8.46 -2.70
N PRO A 29 -16.84 9.50 -2.25
CA PRO A 29 -16.72 10.01 -0.87
C PRO A 29 -17.70 9.26 0.03
N ALA A 30 -17.60 9.51 1.34
CA ALA A 30 -18.52 8.95 2.31
C ALA A 30 -19.95 9.40 2.03
N GLY A 31 -20.86 8.42 1.97
CA GLY A 31 -22.27 8.73 1.70
C GLY A 31 -22.63 9.26 0.31
N GLY A 32 -21.70 9.12 -0.65
CA GLY A 32 -21.96 9.52 -2.01
C GLY A 32 -21.58 8.43 -2.99
N SER A 33 -22.22 8.49 -4.16
CA SER A 33 -21.71 7.83 -5.34
C SER A 33 -20.77 8.76 -6.09
N THR A 34 -20.10 8.17 -7.09
CA THR A 34 -19.19 8.88 -7.96
C THR A 34 -19.87 9.76 -9.00
N VAL A 35 -21.21 9.87 -8.97
CA VAL A 35 -21.86 10.93 -9.74
C VAL A 35 -21.57 12.35 -9.22
N VAL A 36 -21.05 12.46 -7.99
CA VAL A 36 -20.55 13.73 -7.53
C VAL A 36 -19.47 14.31 -8.44
N TYR A 37 -18.86 13.49 -9.32
CA TYR A 37 -17.76 13.95 -10.15
C TYR A 37 -18.16 14.42 -11.56
N GLU A 38 -19.46 14.41 -11.84
CA GLU A 38 -19.94 14.93 -13.11
C GLU A 38 -19.60 16.40 -13.41
N PRO A 39 -19.76 17.34 -12.46
CA PRO A 39 -19.39 18.73 -12.71
C PRO A 39 -17.91 18.87 -13.13
N LEU A 40 -17.03 18.11 -12.44
CA LEU A 40 -15.61 18.06 -12.74
C LEU A 40 -15.33 17.51 -14.14
N LEU A 41 -15.97 16.40 -14.48
CA LEU A 41 -15.87 15.85 -15.83
C LEU A 41 -16.17 16.93 -16.85
N GLY A 42 -17.22 17.74 -16.64
CA GLY A 42 -17.55 18.82 -17.57
C GLY A 42 -16.51 19.95 -17.67
N ARG A 43 -15.55 19.99 -16.72
CA ARG A 43 -14.44 20.93 -16.73
C ARG A 43 -13.08 20.35 -17.14
N LEU A 44 -13.09 19.09 -17.61
CA LEU A 44 -11.89 18.46 -18.13
C LEU A 44 -11.96 18.46 -19.66
N PRO A 45 -10.85 18.18 -20.40
CA PRO A 45 -10.90 18.20 -21.86
C PRO A 45 -11.98 17.26 -22.39
N ALA A 46 -12.61 17.68 -23.49
CA ALA A 46 -13.42 16.82 -24.33
C ALA A 46 -12.80 15.43 -24.45
N ASP A 47 -13.64 14.39 -24.32
CA ASP A 47 -13.23 13.01 -24.52
C ASP A 47 -12.24 12.50 -23.46
N THR A 48 -12.15 13.14 -22.29
CA THR A 48 -11.39 12.53 -21.24
C THR A 48 -12.24 11.39 -20.67
N PRO A 49 -11.80 10.10 -20.73
CA PRO A 49 -12.53 9.03 -20.05
C PRO A 49 -12.50 9.22 -18.53
N MET A 50 -13.58 8.78 -17.88
CA MET A 50 -13.63 8.76 -16.43
C MET A 50 -14.40 7.55 -15.93
N TYR A 51 -13.81 6.87 -14.93
CA TYR A 51 -14.36 5.71 -14.25
C TYR A 51 -14.32 5.95 -12.73
N GLY A 52 -15.35 5.45 -12.04
CA GLY A 52 -15.51 5.69 -10.63
C GLY A 52 -15.51 4.41 -9.81
N PHE A 53 -14.83 4.47 -8.66
CA PHE A 53 -14.81 3.32 -7.75
C PHE A 53 -15.84 3.54 -6.65
N GLU A 54 -16.83 2.64 -6.61
CA GLU A 54 -17.86 2.71 -5.60
C GLU A 54 -17.40 2.03 -4.31
N ARG A 55 -18.22 2.13 -3.26
CA ARG A 55 -17.88 1.60 -1.96
C ARG A 55 -17.66 0.09 -1.93
N VAL A 56 -16.64 -0.30 -1.15
CA VAL A 56 -16.30 -1.66 -0.76
C VAL A 56 -15.94 -1.59 0.72
N GLU A 57 -15.86 -2.75 1.37
CA GLU A 57 -15.67 -2.84 2.80
C GLU A 57 -14.21 -3.08 3.18
N GLY A 58 -13.85 -2.64 4.41
CA GLY A 58 -12.58 -2.97 5.03
C GLY A 58 -11.85 -1.73 5.54
N SER A 59 -10.66 -1.91 6.10
CA SER A 59 -9.71 -0.83 6.25
C SER A 59 -9.46 -0.11 4.92
N ILE A 60 -8.93 1.11 5.00
CA ILE A 60 -8.56 1.84 3.81
C ILE A 60 -7.66 0.98 2.92
N GLU A 61 -6.70 0.30 3.56
CA GLU A 61 -5.76 -0.58 2.90
C GLU A 61 -6.50 -1.72 2.18
N GLU A 62 -7.46 -2.35 2.89
CA GLU A 62 -8.19 -3.47 2.32
C GLU A 62 -9.14 -3.08 1.18
N ARG A 63 -9.59 -1.82 1.21
CA ARG A 63 -10.37 -1.28 0.12
C ARG A 63 -9.48 -1.09 -1.11
N ALA A 64 -8.36 -0.41 -0.92
CA ALA A 64 -7.35 -0.20 -1.95
C ALA A 64 -6.90 -1.52 -2.57
N GLN A 65 -6.73 -2.55 -1.75
CA GLN A 65 -6.39 -3.86 -2.22
C GLN A 65 -7.41 -4.51 -3.17
N GLN A 66 -8.69 -4.13 -3.05
CA GLN A 66 -9.75 -4.56 -3.96
C GLN A 66 -9.82 -3.71 -5.22
N TYR A 67 -9.50 -2.42 -5.09
CA TYR A 67 -9.52 -1.57 -6.26
C TYR A 67 -8.37 -1.82 -7.23
N VAL A 68 -7.20 -2.17 -6.70
CA VAL A 68 -5.98 -2.22 -7.50
C VAL A 68 -6.04 -3.27 -8.61
N PRO A 69 -6.47 -4.52 -8.34
CA PRO A 69 -6.64 -5.49 -9.43
C PRO A 69 -7.45 -4.91 -10.60
N LYS A 70 -8.48 -4.11 -10.29
CA LYS A 70 -9.35 -3.58 -11.31
C LYS A 70 -8.74 -2.43 -12.10
N LEU A 71 -8.04 -1.52 -11.41
CA LEU A 71 -7.29 -0.45 -12.03
C LEU A 71 -6.33 -1.03 -13.06
N ILE A 72 -5.68 -2.14 -12.72
CA ILE A 72 -4.66 -2.74 -13.56
C ILE A 72 -5.29 -3.41 -14.79
N GLU A 73 -6.46 -4.03 -14.57
CA GLU A 73 -7.28 -4.59 -15.63
C GLU A 73 -7.71 -3.53 -16.64
N MET A 74 -8.04 -2.35 -16.17
CA MET A 74 -8.46 -1.29 -17.08
C MET A 74 -7.30 -0.51 -17.71
N GLN A 75 -6.18 -0.30 -17.01
CA GLN A 75 -5.13 0.59 -17.50
C GLN A 75 -3.72 0.01 -17.57
N GLY A 76 -3.53 -1.24 -17.15
CA GLY A 76 -2.25 -1.90 -17.31
C GLY A 76 -1.14 -1.19 -16.54
N ASP A 77 -0.03 -0.93 -17.24
CA ASP A 77 1.15 -0.31 -16.65
C ASP A 77 0.98 1.15 -16.21
N GLY A 78 0.04 1.84 -16.85
CA GLY A 78 -0.19 3.25 -16.60
C GLY A 78 -0.28 3.96 -17.94
N PRO A 79 -0.30 5.32 -17.99
CA PRO A 79 -0.21 6.14 -16.76
C PRO A 79 -1.51 6.23 -15.93
N TYR A 80 -1.38 6.24 -14.61
CA TYR A 80 -2.55 6.35 -13.75
C TYR A 80 -2.74 7.79 -13.30
N VAL A 81 -3.99 8.27 -13.42
CA VAL A 81 -4.44 9.55 -12.89
C VAL A 81 -5.55 9.22 -11.91
N LEU A 82 -5.36 9.63 -10.66
CA LEU A 82 -6.18 9.17 -9.54
C LEU A 82 -6.66 10.39 -8.77
N VAL A 83 -7.99 10.53 -8.65
CA VAL A 83 -8.59 11.72 -8.10
C VAL A 83 -9.68 11.33 -7.13
N GLY A 84 -9.80 12.12 -6.08
CA GLY A 84 -10.83 11.88 -5.09
C GLY A 84 -11.11 13.13 -4.27
N TRP A 85 -12.39 13.34 -3.97
CA TRP A 85 -12.84 14.37 -3.05
C TRP A 85 -13.19 13.74 -1.71
N SER A 86 -12.62 14.32 -0.65
CA SER A 86 -12.90 13.92 0.73
C SER A 86 -12.33 12.51 0.93
N LEU A 87 -13.11 11.57 1.45
CA LEU A 87 -12.65 10.19 1.58
C LEU A 87 -12.14 9.67 0.22
N GLY A 88 -12.79 10.09 -0.85
CA GLY A 88 -12.35 9.65 -2.17
C GLY A 88 -10.87 9.91 -2.40
N GLY A 89 -10.41 11.00 -1.80
CA GLY A 89 -9.03 11.43 -1.89
C GLY A 89 -8.10 10.51 -1.12
N VAL A 90 -8.53 10.08 0.08
CA VAL A 90 -7.77 9.12 0.87
C VAL A 90 -7.62 7.78 0.14
N LEU A 91 -8.73 7.31 -0.45
CA LEU A 91 -8.73 6.08 -1.24
C LEU A 91 -7.80 6.18 -2.43
N ALA A 92 -7.82 7.33 -3.10
CA ALA A 92 -7.08 7.49 -4.35
C ALA A 92 -5.60 7.43 -4.04
N TYR A 93 -5.24 7.96 -2.86
CA TYR A 93 -3.86 8.01 -2.43
C TYR A 93 -3.39 6.63 -1.98
N ALA A 94 -4.24 5.91 -1.25
CA ALA A 94 -3.98 4.53 -0.88
C ALA A 94 -3.68 3.70 -2.13
N CYS A 95 -4.47 3.92 -3.19
CA CYS A 95 -4.27 3.20 -4.43
C CYS A 95 -2.96 3.54 -5.11
N ALA A 96 -2.57 4.82 -5.05
CA ALA A 96 -1.31 5.27 -5.61
C ALA A 96 -0.13 4.58 -4.95
N ILE A 97 -0.15 4.54 -3.60
CA ILE A 97 0.86 3.83 -2.84
C ILE A 97 1.00 2.44 -3.44
N GLY A 98 -0.11 1.69 -3.46
CA GLY A 98 -0.11 0.31 -3.90
C GLY A 98 0.36 0.11 -5.33
N LEU A 99 -0.11 0.96 -6.23
CA LEU A 99 0.30 0.86 -7.63
C LEU A 99 1.77 1.09 -7.88
N ARG A 100 2.35 2.11 -7.25
CA ARG A 100 3.79 2.32 -7.35
C ARG A 100 4.64 1.19 -6.77
N ARG A 101 4.22 0.64 -5.62
CA ARG A 101 4.87 -0.55 -5.08
C ARG A 101 4.84 -1.79 -5.97
N LEU A 102 3.83 -1.91 -6.82
CA LEU A 102 3.73 -2.96 -7.80
C LEU A 102 4.46 -2.62 -9.10
N GLY A 103 5.16 -1.49 -9.12
CA GLY A 103 5.95 -1.08 -10.27
C GLY A 103 5.17 -0.42 -11.40
N LYS A 104 4.02 0.18 -11.07
CA LYS A 104 3.23 0.90 -12.06
C LYS A 104 3.54 2.41 -12.07
N ASP A 105 3.03 3.10 -13.10
CA ASP A 105 3.30 4.50 -13.34
C ASP A 105 2.10 5.37 -12.96
N VAL A 106 2.21 6.07 -11.83
CA VAL A 106 1.21 7.01 -11.39
C VAL A 106 1.71 8.43 -11.71
N ARG A 107 1.03 9.15 -12.58
CA ARG A 107 1.53 10.45 -12.98
C ARG A 107 0.87 11.54 -12.15
N PHE A 108 -0.36 11.33 -11.69
CA PHE A 108 -1.12 12.38 -11.03
C PHE A 108 -2.03 11.83 -9.92
N VAL A 109 -1.90 12.43 -8.73
CA VAL A 109 -2.85 12.22 -7.64
C VAL A 109 -3.44 13.57 -7.25
N GLY A 110 -4.76 13.71 -7.44
CA GLY A 110 -5.49 14.92 -7.11
C GLY A 110 -6.42 14.73 -5.93
N LEU A 111 -6.02 15.28 -4.78
CA LEU A 111 -6.80 15.30 -3.58
C LEU A 111 -7.63 16.57 -3.58
N ILE A 112 -8.96 16.43 -3.69
CA ILE A 112 -9.85 17.58 -3.67
C ILE A 112 -10.32 17.77 -2.22
N ASP A 113 -9.80 18.84 -1.62
CA ASP A 113 -9.92 19.13 -0.20
C ASP A 113 -9.97 17.93 0.73
N ALA A 114 -9.06 16.98 0.54
CA ALA A 114 -8.91 15.88 1.49
C ALA A 114 -8.01 16.35 2.61
N VAL A 115 -8.61 16.96 3.63
CA VAL A 115 -7.85 17.63 4.68
C VAL A 115 -8.07 16.98 6.04
N ARG A 116 -6.97 16.67 6.69
CA ARG A 116 -6.96 15.99 7.97
C ARG A 116 -7.45 16.96 9.04
N ALA A 117 -8.17 16.42 10.04
CA ALA A 117 -8.52 17.15 11.25
C ALA A 117 -7.27 17.82 11.80
N GLY A 118 -7.38 19.08 12.23
CA GLY A 118 -6.25 19.85 12.72
C GLY A 118 -5.50 19.27 13.92
N GLU A 119 -6.16 18.43 14.72
CA GLU A 119 -5.55 17.80 15.90
C GLU A 119 -5.92 16.32 15.91
N GLU A 120 -5.17 15.55 16.72
CA GLU A 120 -5.33 14.12 16.83
C GLU A 120 -6.50 13.72 17.74
N ILE A 121 -7.22 12.67 17.32
CA ILE A 121 -8.46 12.22 17.93
C ILE A 121 -8.17 11.15 18.99
N PRO A 122 -8.45 11.40 20.30
CA PRO A 122 -7.96 10.53 21.39
C PRO A 122 -7.94 9.01 21.13
N GLN A 123 -8.93 8.25 21.63
CA GLN A 123 -8.90 6.80 21.69
C GLN A 123 -9.35 6.36 23.09
N THR A 124 -10.26 7.15 23.66
CA THR A 124 -10.75 6.97 25.01
C THR A 124 -12.24 6.66 24.93
N LYS A 125 -12.80 6.15 26.04
CA LYS A 125 -14.24 6.01 26.20
C LYS A 125 -14.97 7.36 26.23
N GLU A 126 -14.41 8.39 26.87
CA GLU A 126 -14.92 9.75 26.78
C GLU A 126 -15.09 10.31 25.35
N GLU A 127 -14.13 10.02 24.47
CA GLU A 127 -14.23 10.53 23.12
C GLU A 127 -15.37 9.82 22.38
N ILE A 128 -15.54 8.53 22.64
CA ILE A 128 -16.62 7.75 22.05
C ILE A 128 -17.97 8.35 22.45
N ARG A 129 -18.11 8.70 23.74
CA ARG A 129 -19.35 9.25 24.22
C ARG A 129 -19.61 10.57 23.50
N LYS A 130 -18.60 11.45 23.51
CA LYS A 130 -18.73 12.74 22.86
C LYS A 130 -19.03 12.68 21.37
N ARG A 131 -18.44 11.71 20.67
CA ARG A 131 -18.69 11.52 19.25
C ARG A 131 -20.12 11.10 18.95
N TRP A 132 -20.65 10.18 19.76
CA TRP A 132 -22.07 9.81 19.63
C TRP A 132 -23.00 10.99 19.97
N ASP A 133 -22.67 11.74 21.03
CA ASP A 133 -23.37 12.99 21.25
C ASP A 133 -23.38 13.86 19.99
N ARG A 134 -22.23 14.10 19.38
CA ARG A 134 -22.20 14.99 18.23
C ARG A 134 -22.99 14.42 17.05
N TYR A 135 -22.93 13.09 16.88
CA TYR A 135 -23.66 12.42 15.82
C TYR A 135 -25.17 12.59 16.01
N ALA A 136 -25.64 12.42 17.27
CA ALA A 136 -27.05 12.67 17.57
C ALA A 136 -27.50 14.09 17.24
N ALA A 137 -26.71 15.09 17.61
CA ALA A 137 -27.03 16.47 17.27
C ALA A 137 -27.05 16.66 15.75
N PHE A 138 -26.13 16.03 15.04
CA PHE A 138 -26.14 16.13 13.58
C PHE A 138 -27.40 15.48 13.03
N ALA A 139 -27.76 14.30 13.54
CA ALA A 139 -28.90 13.55 13.04
C ALA A 139 -30.24 14.21 13.35
N GLU A 140 -30.33 14.86 14.51
CA GLU A 140 -31.50 15.66 14.85
C GLU A 140 -31.69 16.84 13.91
N LYS A 141 -30.61 17.54 13.58
CA LYS A 141 -30.67 18.68 12.69
C LYS A 141 -30.94 18.19 11.26
N THR A 142 -30.24 17.14 10.82
CA THR A 142 -30.32 16.67 9.44
C THR A 142 -31.67 16.05 9.08
N PHE A 143 -32.36 15.45 10.04
CA PHE A 143 -33.53 14.63 9.74
C PHE A 143 -34.75 15.16 10.47
N ASN A 144 -34.52 16.21 11.28
CA ASN A 144 -35.59 16.79 12.04
C ASN A 144 -36.36 15.74 12.84
N VAL A 145 -35.62 14.90 13.58
CA VAL A 145 -36.21 13.92 14.50
C VAL A 145 -35.55 14.09 15.87
N THR A 146 -36.06 13.35 16.85
CA THR A 146 -35.47 13.27 18.19
C THR A 146 -34.74 11.94 18.33
N ILE A 147 -33.49 12.04 18.79
CA ILE A 147 -32.65 10.87 18.99
C ILE A 147 -32.66 10.71 20.51
N PRO A 148 -32.91 9.49 21.05
CA PRO A 148 -32.93 9.31 22.49
C PRO A 148 -31.49 9.36 23.00
N ALA A 149 -31.34 9.75 24.27
CA ALA A 149 -30.08 9.56 24.97
C ALA A 149 -29.71 8.08 24.95
N ILE A 150 -28.43 7.83 24.71
CA ILE A 150 -27.89 6.49 24.64
C ILE A 150 -27.28 6.14 25.99
N PRO A 151 -27.48 4.90 26.55
CA PRO A 151 -26.67 4.43 27.68
C PRO A 151 -25.31 4.01 27.14
N TYR A 152 -24.29 4.79 27.49
CA TYR A 152 -23.00 4.68 26.82
C TYR A 152 -22.16 3.54 27.38
N GLU A 153 -22.38 3.14 28.64
CA GLU A 153 -21.93 1.83 29.10
C GLU A 153 -22.60 0.80 28.19
N GLN A 154 -21.96 -0.35 28.01
CA GLN A 154 -22.34 -1.34 27.00
C GLN A 154 -22.41 -0.81 25.56
N LEU A 155 -21.54 0.16 25.25
CA LEU A 155 -21.37 0.66 23.90
C LEU A 155 -19.92 1.10 23.72
N GLU A 156 -19.45 1.85 24.73
CA GLU A 156 -18.04 2.01 25.04
C GLU A 156 -17.14 0.80 24.81
N GLU A 157 -17.60 -0.40 25.20
CA GLU A 157 -16.79 -1.60 25.09
C GLU A 157 -16.82 -2.26 23.72
N LEU A 158 -17.85 -1.99 22.91
CA LEU A 158 -18.01 -2.65 21.64
C LEU A 158 -17.08 -2.05 20.60
N ASP A 159 -16.82 -2.81 19.53
CA ASP A 159 -16.21 -2.24 18.33
C ASP A 159 -17.18 -1.32 17.57
N ASP A 160 -16.70 -0.65 16.53
CA ASP A 160 -17.52 0.30 15.77
C ASP A 160 -18.83 -0.22 15.19
N GLU A 161 -18.80 -1.41 14.57
CA GLU A 161 -20.01 -2.00 14.01
C GLU A 161 -21.01 -2.31 15.13
N GLY A 162 -20.50 -2.84 16.24
CA GLY A 162 -21.30 -3.08 17.43
C GLY A 162 -21.93 -1.81 17.99
N GLN A 163 -21.18 -0.71 17.89
CA GLN A 163 -21.67 0.58 18.36
C GLN A 163 -22.80 1.12 17.49
N VAL A 164 -22.71 0.93 16.17
CA VAL A 164 -23.75 1.47 15.31
C VAL A 164 -24.99 0.59 15.42
N ARG A 165 -24.78 -0.73 15.52
CA ARG A 165 -25.90 -1.65 15.71
C ARG A 165 -26.73 -1.29 16.96
N PHE A 166 -26.06 -0.92 18.04
CA PHE A 166 -26.72 -0.56 19.29
C PHE A 166 -27.45 0.78 19.22
N VAL A 167 -26.83 1.79 18.59
CA VAL A 167 -27.48 3.07 18.42
C VAL A 167 -28.72 2.92 17.54
N LEU A 168 -28.63 2.07 16.51
CA LEU A 168 -29.79 1.73 15.68
C LEU A 168 -30.93 1.10 16.48
N ASP A 169 -30.65 0.08 17.29
CA ASP A 169 -31.70 -0.53 18.10
C ASP A 169 -32.33 0.50 19.05
N ALA A 170 -31.52 1.45 19.52
CA ALA A 170 -31.97 2.47 20.45
C ALA A 170 -32.88 3.49 19.74
N VAL A 171 -32.48 3.95 18.55
CA VAL A 171 -33.33 4.85 17.79
C VAL A 171 -34.68 4.21 17.45
N SER A 172 -34.63 2.97 16.96
CA SER A 172 -35.85 2.18 16.71
C SER A 172 -36.76 2.00 17.94
N GLN A 173 -36.19 1.56 19.06
CA GLN A 173 -37.01 1.26 20.22
C GLN A 173 -37.68 2.52 20.78
N SER A 174 -37.12 3.71 20.50
CA SER A 174 -37.74 4.98 20.83
C SER A 174 -38.89 5.38 19.89
N GLY A 175 -39.08 4.64 18.78
CA GLY A 175 -40.25 4.77 17.94
C GLY A 175 -40.00 5.51 16.63
N VAL A 176 -38.74 5.77 16.28
CA VAL A 176 -38.44 6.31 14.98
C VAL A 176 -38.10 5.12 14.08
N GLN A 177 -38.99 4.80 13.13
CA GLN A 177 -38.69 3.82 12.08
C GLN A 177 -37.93 4.55 10.97
N ILE A 178 -36.68 4.15 10.73
CA ILE A 178 -35.82 4.74 9.71
C ILE A 178 -35.87 3.92 8.41
N PRO A 179 -36.07 4.60 7.27
CA PRO A 179 -36.06 3.89 5.98
C PRO A 179 -34.76 3.10 5.84
N ALA A 180 -34.83 1.88 5.31
CA ALA A 180 -33.63 1.06 5.15
C ALA A 180 -32.49 1.78 4.44
N GLY A 181 -32.82 2.48 3.35
CA GLY A 181 -31.83 3.25 2.61
C GLY A 181 -31.03 4.19 3.51
N ILE A 182 -31.71 4.81 4.49
CA ILE A 182 -31.09 5.81 5.35
C ILE A 182 -30.23 5.15 6.43
N ILE A 183 -30.74 4.08 7.06
CA ILE A 183 -29.96 3.22 7.93
C ILE A 183 -28.65 2.81 7.27
N GLU A 184 -28.78 2.21 6.10
CA GLU A 184 -27.60 1.79 5.33
C GLU A 184 -26.62 2.93 5.08
N HIS A 185 -27.11 4.02 4.52
CA HIS A 185 -26.29 5.18 4.23
C HIS A 185 -25.55 5.66 5.49
N GLN A 186 -26.24 5.81 6.61
CA GLN A 186 -25.61 6.43 7.78
C GLN A 186 -24.64 5.49 8.46
N ARG A 187 -24.97 4.19 8.52
CA ARG A 187 -24.05 3.15 8.98
C ARG A 187 -22.77 3.16 8.15
N THR A 188 -22.89 3.08 6.83
CA THR A 188 -21.71 2.95 5.98
C THR A 188 -20.88 4.23 6.03
N SER A 189 -21.51 5.40 6.04
CA SER A 189 -20.75 6.64 6.19
C SER A 189 -19.98 6.71 7.50
N TYR A 190 -20.60 6.26 8.59
CA TYR A 190 -20.00 6.33 9.90
C TYR A 190 -18.81 5.40 9.89
N LEU A 191 -18.99 4.19 9.33
CA LEU A 191 -17.89 3.24 9.29
C LEU A 191 -16.76 3.71 8.36
N ASP A 192 -17.07 4.44 7.28
CA ASP A 192 -16.03 5.05 6.45
C ASP A 192 -15.24 6.10 7.23
N ASN A 193 -15.92 6.89 8.05
CA ASN A 193 -15.24 7.86 8.89
C ASN A 193 -14.24 7.17 9.82
N ARG A 194 -14.63 6.02 10.39
CA ARG A 194 -13.80 5.28 11.32
C ARG A 194 -12.63 4.61 10.61
N ALA A 195 -12.88 4.08 9.41
CA ALA A 195 -11.80 3.60 8.55
C ALA A 195 -10.73 4.68 8.34
N ILE A 196 -11.13 5.88 7.92
CA ILE A 196 -10.19 6.97 7.74
C ILE A 196 -9.41 7.25 9.02
N ASP A 197 -10.10 7.34 10.15
CA ASP A 197 -9.47 7.80 11.37
C ASP A 197 -8.43 6.82 11.91
N THR A 198 -8.68 5.51 11.72
CA THR A 198 -7.78 4.48 12.21
C THR A 198 -6.65 4.14 11.23
N ALA A 199 -6.79 4.58 9.97
CA ALA A 199 -5.73 4.37 8.98
C ALA A 199 -4.54 5.26 9.26
N GLN A 200 -3.34 4.71 9.03
CA GLN A 200 -2.11 5.48 9.03
C GLN A 200 -1.80 5.88 7.60
N ILE A 201 -1.61 7.18 7.36
CA ILE A 201 -1.20 7.63 6.03
C ILE A 201 0.27 7.26 5.79
N GLN A 202 0.53 6.66 4.63
CA GLN A 202 1.88 6.22 4.28
C GLN A 202 2.63 7.27 3.45
N PRO A 203 3.96 7.40 3.60
CA PRO A 203 4.71 8.34 2.77
C PRO A 203 4.60 7.95 1.30
N TYR A 204 4.71 8.96 0.43
CA TYR A 204 4.54 8.79 -0.99
C TYR A 204 5.51 9.72 -1.69
N ASP A 205 6.41 9.16 -2.53
CA ASP A 205 7.39 10.00 -3.20
C ASP A 205 7.00 10.37 -4.64
N GLY A 206 5.74 10.18 -5.03
CA GLY A 206 5.19 10.79 -6.24
C GLY A 206 4.74 12.25 -6.10
N HIS A 207 4.19 12.79 -7.19
CA HIS A 207 3.60 14.11 -7.21
C HIS A 207 2.16 14.00 -6.73
N VAL A 208 1.81 14.82 -5.73
CA VAL A 208 0.44 14.96 -5.29
C VAL A 208 0.04 16.43 -5.43
N THR A 209 -1.16 16.64 -5.93
CA THR A 209 -1.79 17.95 -5.91
C THR A 209 -2.91 17.95 -4.88
N LEU A 210 -2.86 18.92 -3.97
CA LEU A 210 -3.94 19.12 -3.03
C LEU A 210 -4.64 20.44 -3.35
N TYR A 211 -5.91 20.34 -3.75
CA TYR A 211 -6.79 21.48 -3.96
C TYR A 211 -7.45 21.82 -2.63
N MET A 212 -7.20 23.02 -2.12
CA MET A 212 -7.42 23.30 -0.72
C MET A 212 -8.49 24.38 -0.57
N ALA A 213 -9.64 24.01 0.00
CA ALA A 213 -10.69 24.97 0.33
C ALA A 213 -10.28 25.76 1.59
N ASP A 214 -11.08 26.77 1.97
CA ASP A 214 -10.80 27.61 3.12
C ASP A 214 -11.18 26.96 4.44
N ARG A 215 -12.31 26.27 4.45
CA ARG A 215 -12.77 25.63 5.68
C ARG A 215 -13.69 24.45 5.44
N TYR A 216 -13.90 23.68 6.52
CA TYR A 216 -14.85 22.60 6.55
C TYR A 216 -16.19 23.27 6.71
N HIS A 217 -17.24 22.67 6.13
CA HIS A 217 -18.59 23.16 6.25
C HIS A 217 -19.13 22.91 7.66
N ASP A 218 -20.26 23.52 8.00
CA ASP A 218 -20.87 23.41 9.32
C ASP A 218 -21.11 22.00 9.87
N ASP A 219 -21.68 21.10 9.04
CA ASP A 219 -22.03 19.77 9.50
C ASP A 219 -20.81 18.95 9.90
N ALA A 220 -19.73 19.10 9.15
CA ALA A 220 -18.46 18.49 9.50
C ALA A 220 -17.97 19.00 10.86
N ILE A 221 -17.95 20.32 11.04
CA ILE A 221 -17.48 20.89 12.31
C ILE A 221 -18.39 20.51 13.47
N MET A 222 -19.69 20.39 13.20
CA MET A 222 -20.63 19.96 14.23
C MET A 222 -20.30 18.52 14.63
N PHE A 223 -20.01 17.68 13.64
CA PHE A 223 -19.74 16.27 13.89
C PHE A 223 -18.41 16.02 14.58
N GLU A 224 -17.39 16.74 14.13
CA GLU A 224 -16.03 16.65 14.65
C GLU A 224 -15.42 18.06 14.72
N PRO A 225 -15.41 18.69 15.93
CA PRO A 225 -14.86 20.05 16.14
C PRO A 225 -13.45 20.33 15.65
N ARG A 226 -12.58 19.30 15.64
CA ARG A 226 -11.21 19.39 15.16
C ARG A 226 -11.10 19.67 13.66
N TYR A 227 -12.19 19.51 12.94
CA TYR A 227 -12.21 19.95 11.56
C TYR A 227 -12.23 21.46 11.45
N ALA A 228 -12.44 22.14 12.59
CA ALA A 228 -12.49 23.58 12.60
C ALA A 228 -11.11 24.22 12.41
N VAL A 229 -10.04 23.41 12.53
CA VAL A 229 -8.67 23.87 12.39
C VAL A 229 -8.00 23.02 11.31
N ARG A 230 -7.23 23.71 10.44
CA ARG A 230 -6.59 23.13 9.27
C ARG A 230 -5.12 23.51 9.26
N GLN A 231 -4.23 22.57 8.94
CA GLN A 231 -2.84 22.92 8.68
C GLN A 231 -2.80 23.46 7.24
N PRO A 232 -1.84 24.35 6.88
CA PRO A 232 -1.76 24.88 5.51
C PRO A 232 -1.59 23.81 4.44
N ASP A 233 -0.97 22.68 4.81
CA ASP A 233 -0.71 21.57 3.90
C ASP A 233 -1.75 20.45 4.01
N GLY A 234 -2.80 20.66 4.80
CA GLY A 234 -3.84 19.64 4.96
C GLY A 234 -3.45 18.40 5.75
N GLY A 235 -2.29 18.44 6.42
CA GLY A 235 -1.70 17.28 7.08
C GLY A 235 -0.82 16.38 6.22
N TRP A 236 -0.63 16.73 4.95
CA TRP A 236 -0.01 15.85 3.99
C TRP A 236 1.47 16.10 3.77
N GLY A 237 1.96 17.29 4.15
CA GLY A 237 3.36 17.67 3.91
C GLY A 237 4.37 16.75 4.59
N GLU A 238 4.01 16.29 5.79
CA GLU A 238 4.65 15.19 6.50
C GLU A 238 5.03 13.99 5.63
N TYR A 239 4.12 13.60 4.72
CA TYR A 239 4.16 12.33 4.01
C TYR A 239 4.52 12.46 2.54
N VAL A 240 4.35 13.66 1.96
CA VAL A 240 4.55 13.87 0.55
C VAL A 240 5.58 14.97 0.33
N SER A 241 6.77 14.61 -0.14
CA SER A 241 7.82 15.58 -0.40
C SER A 241 7.52 16.53 -1.56
N ASP A 242 6.89 16.02 -2.63
CA ASP A 242 6.50 16.79 -3.81
C ASP A 242 5.00 17.06 -3.75
N LEU A 243 4.59 18.01 -2.89
CA LEU A 243 3.20 18.35 -2.71
C LEU A 243 2.91 19.72 -3.30
N GLU A 244 2.01 19.78 -4.30
CA GLU A 244 1.52 21.05 -4.82
C GLU A 244 0.17 21.42 -4.20
N VAL A 245 0.09 22.62 -3.62
CA VAL A 245 -1.09 23.04 -2.91
C VAL A 245 -1.75 24.14 -3.73
N VAL A 246 -2.95 23.85 -4.24
CA VAL A 246 -3.68 24.80 -5.05
C VAL A 246 -4.84 25.34 -4.22
N PRO A 247 -4.89 26.65 -3.89
CA PRO A 247 -6.06 27.23 -3.22
C PRO A 247 -7.29 27.42 -4.14
N ILE A 248 -8.45 26.93 -3.67
CA ILE A 248 -9.71 27.04 -4.40
C ILE A 248 -10.81 27.81 -3.64
N GLY A 249 -10.57 28.13 -2.37
CA GLY A 249 -11.55 28.85 -1.56
C GLY A 249 -12.76 28.02 -1.18
N GLY A 250 -13.74 28.67 -0.55
CA GLY A 250 -15.02 28.05 -0.25
C GLY A 250 -14.94 27.00 0.84
N GLU A 251 -16.02 26.25 1.01
CA GLU A 251 -16.06 25.16 1.96
C GLU A 251 -15.89 23.81 1.29
N HIS A 252 -15.51 22.84 2.13
CA HIS A 252 -15.31 21.47 1.72
C HIS A 252 -16.43 21.00 0.80
N ILE A 253 -17.67 21.28 1.16
CA ILE A 253 -18.85 20.70 0.54
C ILE A 253 -19.16 21.33 -0.81
N GLN A 254 -18.68 22.57 -1.00
CA GLN A 254 -18.83 23.29 -2.27
C GLN A 254 -17.74 22.98 -3.27
N ALA A 255 -16.74 22.17 -2.89
CA ALA A 255 -15.57 21.98 -3.73
C ALA A 255 -15.85 21.24 -5.05
N ILE A 256 -16.96 20.50 -5.08
CA ILE A 256 -17.40 19.69 -6.21
C ILE A 256 -18.56 20.31 -6.98
N ASP A 257 -18.96 21.51 -6.55
CA ASP A 257 -20.00 22.29 -7.18
C ASP A 257 -19.36 23.42 -7.98
N GLU A 258 -20.14 23.97 -8.92
CA GLU A 258 -19.81 25.22 -9.57
C GLU A 258 -20.01 26.32 -8.53
N PRO A 259 -19.24 27.44 -8.55
CA PRO A 259 -18.19 27.66 -9.55
C PRO A 259 -16.79 27.12 -9.22
N ILE A 260 -16.61 26.67 -7.98
CA ILE A 260 -15.29 26.33 -7.46
C ILE A 260 -14.63 25.20 -8.21
N ILE A 261 -15.42 24.23 -8.67
CA ILE A 261 -14.89 23.09 -9.42
C ILE A 261 -14.28 23.55 -10.75
N ALA A 262 -14.57 24.77 -11.20
CA ALA A 262 -13.92 25.33 -12.38
C ALA A 262 -12.41 25.55 -12.16
N LYS A 263 -12.02 25.89 -10.93
CA LYS A 263 -10.60 26.09 -10.59
C LYS A 263 -9.84 24.76 -10.56
N VAL A 264 -10.45 23.79 -9.89
CA VAL A 264 -9.94 22.43 -9.89
C VAL A 264 -9.79 21.94 -11.33
N GLY A 265 -10.88 22.00 -12.10
CA GLY A 265 -10.90 21.57 -13.49
C GLY A 265 -9.90 22.24 -14.42
N GLU A 266 -9.71 23.56 -14.24
CA GLU A 266 -8.76 24.32 -15.08
C GLU A 266 -7.35 23.80 -14.82
N HIS A 267 -6.96 23.80 -13.53
CA HIS A 267 -5.66 23.32 -13.10
C HIS A 267 -5.45 21.88 -13.58
N MET A 268 -6.43 21.02 -13.28
CA MET A 268 -6.29 19.62 -13.60
C MET A 268 -6.15 19.39 -15.11
N SER A 269 -6.83 20.19 -15.93
CA SER A 269 -6.74 20.08 -17.37
C SER A 269 -5.31 20.28 -17.87
N ARG A 270 -4.63 21.31 -17.35
CA ARG A 270 -3.23 21.52 -17.73
C ARG A 270 -2.35 20.33 -17.36
N ALA A 271 -2.53 19.77 -16.15
CA ALA A 271 -1.84 18.54 -15.79
C ALA A 271 -2.04 17.42 -16.81
N LEU A 272 -3.29 17.20 -17.24
CA LEU A 272 -3.65 16.16 -18.20
C LEU A 272 -3.07 16.45 -19.57
N GLY A 273 -3.03 17.74 -19.93
CA GLY A 273 -2.35 18.21 -21.13
C GLY A 273 -0.88 17.82 -21.17
N GLN A 274 -0.16 18.03 -20.06
CA GLN A 274 1.24 17.66 -20.01
C GLN A 274 1.40 16.16 -20.23
N ILE A 275 0.56 15.36 -19.54
CA ILE A 275 0.59 13.92 -19.66
C ILE A 275 0.31 13.43 -21.08
N GLU A 276 -0.60 14.09 -21.79
CA GLU A 276 -0.87 13.74 -23.18
C GLU A 276 0.29 14.08 -24.10
N ALA A 277 0.89 15.25 -23.91
CA ALA A 277 2.06 15.67 -24.65
C ALA A 277 3.22 14.66 -24.61
N ASP A 278 3.34 13.89 -23.51
CA ASP A 278 4.47 12.99 -23.29
C ASP A 278 4.24 11.55 -23.74
N ARG A 279 2.99 11.07 -23.71
CA ARG A 279 2.71 9.74 -24.23
C ARG A 279 3.15 9.60 -25.68
N THR A 280 3.46 10.73 -26.35
CA THR A 280 3.95 10.69 -27.73
C THR A 280 5.54 10.56 -27.81
N GLN B 4 14.08 7.02 -13.33
CA GLN B 4 14.97 6.79 -12.18
C GLN B 4 15.66 5.42 -12.20
N ILE B 5 15.63 4.72 -13.36
CA ILE B 5 15.96 3.29 -13.45
C ILE B 5 16.96 2.98 -14.55
N ASP B 6 18.08 2.34 -14.16
CA ASP B 6 19.10 1.86 -15.07
C ASP B 6 19.28 0.34 -14.91
N GLY B 7 18.75 -0.40 -15.89
CA GLY B 7 18.79 -1.85 -15.87
C GLY B 7 17.91 -2.33 -14.72
N PHE B 8 18.50 -2.98 -13.73
CA PHE B 8 17.73 -3.39 -12.56
C PHE B 8 18.07 -2.50 -11.34
N VAL B 9 18.71 -1.36 -11.57
CA VAL B 9 19.07 -0.48 -10.48
C VAL B 9 18.12 0.72 -10.50
N ARG B 10 17.45 0.94 -9.38
CA ARG B 10 16.68 2.15 -9.17
C ARG B 10 17.40 3.13 -8.23
N THR B 11 17.55 4.39 -8.65
CA THR B 11 18.05 5.43 -7.77
C THR B 11 16.87 5.94 -6.93
N LEU B 12 16.90 5.70 -5.61
CA LEU B 12 15.92 6.28 -4.71
C LEU B 12 16.44 7.61 -4.18
N ARG B 13 17.72 7.66 -3.83
CA ARG B 13 18.37 8.93 -3.65
C ARG B 13 19.78 8.81 -4.21
N ALA B 14 20.09 9.69 -5.17
CA ALA B 14 21.40 9.69 -5.82
C ALA B 14 22.40 10.22 -4.81
N ARG B 15 23.63 9.72 -4.91
CA ARG B 15 24.75 10.26 -4.15
C ARG B 15 25.28 11.53 -4.82
N PRO B 16 25.93 12.45 -4.06
CA PRO B 16 26.65 13.56 -4.69
C PRO B 16 27.84 13.08 -5.53
N GLU B 17 28.26 13.93 -6.50
CA GLU B 17 29.37 13.61 -7.40
C GLU B 17 30.66 13.29 -6.66
N ALA B 18 30.88 13.93 -5.50
CA ALA B 18 32.02 13.60 -4.65
C ALA B 18 31.64 13.45 -3.18
N GLY B 19 32.38 12.57 -2.49
CA GLY B 19 32.18 12.25 -1.08
C GLY B 19 30.75 11.88 -0.71
N GLY B 20 30.26 12.46 0.39
CA GLY B 20 28.90 12.23 0.85
C GLY B 20 28.80 10.94 1.64
N LYS B 21 27.58 10.59 2.04
CA LYS B 21 27.39 9.42 2.87
C LYS B 21 27.61 8.13 2.08
N VAL B 22 27.83 7.04 2.84
CA VAL B 22 27.73 5.68 2.37
C VAL B 22 26.34 5.39 1.81
N PRO B 23 26.22 4.86 0.58
CA PRO B 23 24.94 4.42 0.08
C PRO B 23 24.36 3.22 0.83
N VAL B 24 23.03 3.17 0.88
CA VAL B 24 22.28 2.02 1.35
C VAL B 24 21.71 1.29 0.13
N PHE B 25 22.10 0.02 -0.04
CA PHE B 25 21.55 -0.82 -1.12
C PHE B 25 20.41 -1.68 -0.59
N VAL B 26 19.25 -1.56 -1.26
CA VAL B 26 18.04 -2.26 -0.84
C VAL B 26 17.66 -3.16 -1.99
N PHE B 27 17.02 -4.28 -1.68
CA PHE B 27 16.75 -5.38 -2.60
C PHE B 27 15.25 -5.64 -2.57
N HIS B 28 14.67 -5.79 -3.78
CA HIS B 28 13.22 -5.88 -3.91
C HIS B 28 12.72 -7.15 -3.20
N PRO B 29 11.49 -7.14 -2.67
CA PRO B 29 10.85 -8.35 -2.16
C PRO B 29 10.05 -9.03 -3.27
N ALA B 30 9.52 -10.22 -2.98
CA ALA B 30 8.64 -10.95 -3.89
C ALA B 30 7.42 -10.12 -4.23
N GLY B 31 7.18 -9.97 -5.54
CA GLY B 31 6.02 -9.21 -6.04
C GLY B 31 6.05 -7.70 -5.83
N GLY B 32 7.20 -7.13 -5.49
CA GLY B 32 7.23 -5.69 -5.25
C GLY B 32 8.46 -5.05 -5.86
N SER B 33 8.39 -3.76 -6.14
CA SER B 33 9.58 -2.99 -6.50
C SER B 33 10.20 -2.39 -5.24
N THR B 34 11.36 -1.75 -5.42
CA THR B 34 12.12 -1.17 -4.33
C THR B 34 11.56 0.17 -3.87
N VAL B 35 10.40 0.58 -4.42
CA VAL B 35 9.69 1.71 -3.85
C VAL B 35 9.08 1.36 -2.49
N VAL B 36 8.98 0.07 -2.15
CA VAL B 36 8.58 -0.29 -0.81
C VAL B 36 9.50 0.34 0.26
N TYR B 37 10.69 0.82 -0.13
CA TYR B 37 11.69 1.31 0.81
C TYR B 37 11.69 2.82 0.98
N GLU B 38 10.72 3.50 0.37
CA GLU B 38 10.56 4.94 0.56
C GLU B 38 10.28 5.37 2.01
N PRO B 39 9.40 4.67 2.77
CA PRO B 39 9.18 5.04 4.17
C PRO B 39 10.46 4.92 4.99
N LEU B 40 11.29 3.89 4.70
CA LEU B 40 12.56 3.69 5.36
C LEU B 40 13.56 4.81 5.07
N LEU B 41 13.64 5.17 3.79
CA LEU B 41 14.45 6.28 3.39
C LEU B 41 14.08 7.50 4.22
N GLY B 42 12.78 7.75 4.42
CA GLY B 42 12.32 8.88 5.23
C GLY B 42 12.74 8.86 6.70
N ARG B 43 13.18 7.69 7.20
CA ARG B 43 13.66 7.50 8.57
C ARG B 43 15.18 7.33 8.71
N LEU B 44 15.93 7.57 7.62
CA LEU B 44 17.37 7.51 7.65
C LEU B 44 17.89 8.94 7.57
N PRO B 45 19.17 9.22 7.93
CA PRO B 45 19.65 10.61 7.95
C PRO B 45 19.42 11.28 6.59
N ALA B 46 19.16 12.58 6.67
CA ALA B 46 19.26 13.50 5.55
C ALA B 46 20.41 13.11 4.63
N ASP B 47 20.11 13.08 3.31
CA ASP B 47 21.14 12.88 2.30
C ASP B 47 21.79 11.49 2.31
N THR B 48 21.13 10.51 2.92
CA THR B 48 21.60 9.15 2.77
C THR B 48 21.24 8.69 1.35
N PRO B 49 22.22 8.38 0.47
CA PRO B 49 21.90 7.77 -0.82
C PRO B 49 21.28 6.39 -0.63
N MET B 50 20.36 6.06 -1.55
CA MET B 50 19.81 4.73 -1.62
C MET B 50 19.63 4.29 -3.08
N TYR B 51 20.06 3.05 -3.37
CA TYR B 51 19.89 2.40 -4.67
C TYR B 51 19.21 1.04 -4.43
N GLY B 52 18.29 0.71 -5.33
CA GLY B 52 17.51 -0.50 -5.22
C GLY B 52 17.76 -1.52 -6.33
N PHE B 53 17.81 -2.80 -5.97
CA PHE B 53 18.03 -3.84 -6.94
C PHE B 53 16.68 -4.47 -7.30
N GLU B 54 16.30 -4.32 -8.56
CA GLU B 54 15.07 -4.93 -9.06
C GLU B 54 15.30 -6.40 -9.42
N ARG B 55 14.21 -7.09 -9.70
CA ARG B 55 14.22 -8.51 -10.00
C ARG B 55 15.11 -8.89 -11.20
N VAL B 56 15.80 -10.03 -11.03
CA VAL B 56 16.56 -10.75 -12.04
C VAL B 56 16.22 -12.23 -11.84
N GLU B 57 16.58 -13.07 -12.81
CA GLU B 57 16.19 -14.47 -12.79
C GLU B 57 17.32 -15.35 -12.23
N GLY B 58 16.97 -16.54 -11.71
CA GLY B 58 17.91 -17.57 -11.34
C GLY B 58 17.71 -18.08 -9.91
N SER B 59 18.60 -18.99 -9.49
CA SER B 59 18.76 -19.31 -8.08
C SER B 59 19.10 -18.05 -7.31
N ILE B 60 18.92 -18.09 -5.99
CA ILE B 60 19.35 -16.98 -5.16
C ILE B 60 20.80 -16.61 -5.46
N GLU B 61 21.65 -17.64 -5.54
CA GLU B 61 23.05 -17.45 -5.83
C GLU B 61 23.26 -16.79 -7.18
N GLU B 62 22.50 -17.23 -8.20
CA GLU B 62 22.68 -16.69 -9.54
C GLU B 62 22.17 -15.25 -9.67
N ARG B 63 21.21 -14.89 -8.84
CA ARG B 63 20.74 -13.53 -8.76
C ARG B 63 21.80 -12.63 -8.14
N ALA B 64 22.29 -13.07 -6.96
CA ALA B 64 23.40 -12.41 -6.28
C ALA B 64 24.60 -12.21 -7.19
N GLN B 65 24.92 -13.25 -7.98
CA GLN B 65 25.99 -13.15 -8.96
C GLN B 65 25.85 -12.04 -9.99
N GLN B 66 24.62 -11.66 -10.34
CA GLN B 66 24.35 -10.55 -11.25
C GLN B 66 24.38 -9.19 -10.55
N TYR B 67 23.96 -9.16 -9.29
CA TYR B 67 23.96 -7.92 -8.53
C TYR B 67 25.37 -7.46 -8.15
N VAL B 68 26.25 -8.40 -7.81
CA VAL B 68 27.56 -8.08 -7.27
C VAL B 68 28.42 -7.25 -8.23
N PRO B 69 28.57 -7.59 -9.51
CA PRO B 69 29.27 -6.70 -10.44
C PRO B 69 28.78 -5.26 -10.37
N LYS B 70 27.47 -5.07 -10.21
CA LYS B 70 26.91 -3.73 -10.14
C LYS B 70 27.18 -2.97 -8.82
N LEU B 71 27.03 -3.67 -7.70
CA LEU B 71 27.39 -3.15 -6.40
C LEU B 71 28.83 -2.64 -6.41
N ILE B 72 29.73 -3.38 -7.06
CA ILE B 72 31.14 -3.03 -7.11
C ILE B 72 31.37 -1.82 -7.99
N GLU B 73 30.61 -1.73 -9.11
CA GLU B 73 30.63 -0.58 -10.00
C GLU B 73 30.17 0.70 -9.29
N MET B 74 29.19 0.57 -8.41
CA MET B 74 28.73 1.74 -7.67
C MET B 74 29.56 2.10 -6.44
N GLN B 75 30.12 1.11 -5.74
CA GLN B 75 30.73 1.34 -4.43
C GLN B 75 32.15 0.83 -4.24
N GLY B 76 32.72 0.15 -5.24
CA GLY B 76 34.11 -0.29 -5.21
C GLY B 76 34.40 -1.19 -4.00
N ASP B 77 35.46 -0.84 -3.26
CA ASP B 77 35.92 -1.59 -2.10
C ASP B 77 34.96 -1.67 -0.91
N GLY B 78 34.07 -0.68 -0.79
CA GLY B 78 33.13 -0.57 0.30
C GLY B 78 33.24 0.84 0.87
N PRO B 79 32.65 1.12 2.05
CA PRO B 79 31.88 0.13 2.81
C PRO B 79 30.47 -0.18 2.27
N TYR B 80 30.06 -1.43 2.39
CA TYR B 80 28.74 -1.84 1.91
C TYR B 80 27.76 -1.93 3.07
N VAL B 81 26.58 -1.34 2.80
CA VAL B 81 25.41 -1.47 3.65
C VAL B 81 24.31 -2.07 2.78
N LEU B 82 23.74 -3.19 3.25
CA LEU B 82 22.89 -4.03 2.42
C LEU B 82 21.65 -4.38 3.21
N VAL B 83 20.49 -4.01 2.66
CA VAL B 83 19.25 -4.10 3.39
C VAL B 83 18.20 -4.71 2.49
N GLY B 84 17.38 -5.57 3.10
CA GLY B 84 16.22 -6.08 2.40
C GLY B 84 15.12 -6.54 3.35
N TRP B 85 13.88 -6.34 2.91
CA TRP B 85 12.70 -6.87 3.56
C TRP B 85 12.23 -8.12 2.82
N SER B 86 12.00 -9.19 3.58
CA SER B 86 11.42 -10.42 3.07
C SER B 86 12.45 -11.06 2.12
N LEU B 87 12.07 -11.42 0.90
CA LEU B 87 13.05 -11.94 -0.04
C LEU B 87 14.21 -10.97 -0.22
N GLY B 88 13.93 -9.68 -0.18
CA GLY B 88 14.97 -8.68 -0.33
C GLY B 88 16.12 -8.92 0.65
N GLY B 89 15.74 -9.45 1.81
CA GLY B 89 16.69 -9.73 2.86
C GLY B 89 17.58 -10.91 2.55
N VAL B 90 16.97 -11.96 1.98
CA VAL B 90 17.73 -13.11 1.52
C VAL B 90 18.73 -12.77 0.42
N LEU B 91 18.29 -11.92 -0.51
CA LEU B 91 19.15 -11.42 -1.58
C LEU B 91 20.31 -10.61 -1.02
N ALA B 92 20.02 -9.76 -0.03
CA ALA B 92 21.03 -8.85 0.51
C ALA B 92 22.11 -9.67 1.20
N TYR B 93 21.69 -10.81 1.76
CA TYR B 93 22.56 -11.68 2.51
C TYR B 93 23.45 -12.50 1.59
N ALA B 94 22.83 -13.00 0.51
CA ALA B 94 23.57 -13.68 -0.55
C ALA B 94 24.65 -12.76 -1.11
N CYS B 95 24.33 -11.49 -1.30
CA CYS B 95 25.30 -10.53 -1.80
C CYS B 95 26.45 -10.29 -0.85
N ALA B 96 26.14 -10.26 0.46
CA ALA B 96 27.15 -10.05 1.47
C ALA B 96 28.18 -11.16 1.47
N ILE B 97 27.68 -12.41 1.42
CA ILE B 97 28.56 -13.56 1.35
C ILE B 97 29.55 -13.30 0.22
N GLY B 98 29.03 -13.06 -0.99
CA GLY B 98 29.88 -12.91 -2.17
C GLY B 98 30.86 -11.76 -2.05
N LEU B 99 30.39 -10.59 -1.62
CA LEU B 99 31.28 -9.44 -1.47
C LEU B 99 32.44 -9.62 -0.49
N ARG B 100 32.18 -10.22 0.67
CA ARG B 100 33.25 -10.55 1.60
C ARG B 100 34.28 -11.55 1.07
N ARG B 101 33.80 -12.62 0.43
CA ARG B 101 34.69 -13.56 -0.25
C ARG B 101 35.57 -12.95 -1.34
N LEU B 102 35.11 -11.90 -2.01
CA LEU B 102 35.90 -11.17 -2.99
C LEU B 102 36.78 -10.09 -2.34
N GLY B 103 36.82 -10.08 -0.99
CA GLY B 103 37.71 -9.21 -0.25
C GLY B 103 37.20 -7.78 -0.04
N LYS B 104 35.88 -7.57 -0.15
CA LYS B 104 35.26 -6.29 0.08
C LYS B 104 34.80 -6.10 1.51
N ASP B 105 34.48 -4.83 1.84
CA ASP B 105 34.15 -4.41 3.18
C ASP B 105 32.65 -4.22 3.42
N VAL B 106 32.01 -5.19 4.06
CA VAL B 106 30.59 -5.15 4.33
C VAL B 106 30.39 -4.83 5.80
N ARG B 107 29.80 -3.69 6.12
CA ARG B 107 29.68 -3.32 7.52
C ARG B 107 28.35 -3.78 8.11
N PHE B 108 27.32 -3.76 7.26
CA PHE B 108 25.97 -3.90 7.76
C PHE B 108 25.10 -4.67 6.79
N VAL B 109 24.46 -5.72 7.35
CA VAL B 109 23.38 -6.41 6.70
C VAL B 109 22.14 -6.28 7.57
N GLY B 110 21.11 -5.63 7.01
CA GLY B 110 19.83 -5.49 7.68
C GLY B 110 18.75 -6.33 7.00
N LEU B 111 18.38 -7.43 7.66
CA LEU B 111 17.24 -8.25 7.31
C LEU B 111 16.03 -7.67 8.01
N ILE B 112 15.07 -7.16 7.22
CA ILE B 112 13.80 -6.70 7.77
C ILE B 112 12.83 -7.87 7.70
N ASP B 113 12.54 -8.45 8.86
CA ASP B 113 11.69 -9.61 9.03
C ASP B 113 11.80 -10.67 7.92
N ALA B 114 13.04 -11.00 7.53
CA ALA B 114 13.28 -12.14 6.65
C ALA B 114 13.36 -13.39 7.53
N VAL B 115 12.21 -14.03 7.74
CA VAL B 115 12.10 -15.09 8.72
C VAL B 115 11.68 -16.41 8.07
N ARG B 116 12.43 -17.45 8.40
CA ARG B 116 12.23 -18.76 7.82
C ARG B 116 10.97 -19.38 8.41
N ALA B 117 10.26 -20.18 7.61
CA ALA B 117 9.16 -21.01 8.09
C ALA B 117 9.62 -21.77 9.33
N GLY B 118 8.76 -21.86 10.34
CA GLY B 118 9.13 -22.47 11.61
C GLY B 118 9.49 -23.95 11.57
N GLU B 119 9.00 -24.66 10.54
CA GLU B 119 9.21 -26.09 10.35
C GLU B 119 9.72 -26.36 8.95
N GLU B 120 10.14 -27.60 8.68
CA GLU B 120 10.56 -28.01 7.34
C GLU B 120 9.39 -28.25 6.38
N ILE B 121 9.58 -27.81 5.12
CA ILE B 121 8.63 -28.00 4.04
C ILE B 121 9.01 -29.25 3.24
N PRO B 122 8.20 -30.34 3.26
CA PRO B 122 8.60 -31.58 2.56
C PRO B 122 8.63 -31.39 1.04
N GLN B 123 9.61 -32.02 0.38
CA GLN B 123 9.93 -31.74 -1.03
C GLN B 123 9.27 -32.76 -1.95
N THR B 124 7.96 -32.95 -1.74
CA THR B 124 7.27 -34.12 -2.23
C THR B 124 6.21 -33.75 -3.27
N LYS B 125 5.61 -34.78 -3.85
CA LYS B 125 4.57 -34.64 -4.86
C LYS B 125 3.28 -34.10 -4.22
N GLU B 126 2.95 -34.64 -3.02
CA GLU B 126 1.73 -34.21 -2.33
C GLU B 126 1.87 -32.81 -1.74
N GLU B 127 3.10 -32.35 -1.48
CA GLU B 127 3.28 -30.99 -1.03
C GLU B 127 2.92 -30.03 -2.16
N ILE B 128 3.31 -30.39 -3.39
CA ILE B 128 2.92 -29.66 -4.57
C ILE B 128 1.39 -29.51 -4.65
N ARG B 129 0.65 -30.61 -4.45
CA ARG B 129 -0.80 -30.59 -4.56
C ARG B 129 -1.36 -29.61 -3.52
N LYS B 130 -0.93 -29.81 -2.26
CA LYS B 130 -1.42 -29.02 -1.15
C LYS B 130 -1.12 -27.53 -1.33
N ARG B 131 0.08 -27.22 -1.84
CA ARG B 131 0.51 -25.85 -2.05
C ARG B 131 -0.35 -25.14 -3.10
N TRP B 132 -0.64 -25.83 -4.22
CA TRP B 132 -1.52 -25.27 -5.23
C TRP B 132 -2.96 -25.11 -4.71
N ASP B 133 -3.46 -26.06 -3.93
CA ASP B 133 -4.70 -25.84 -3.19
C ASP B 133 -4.69 -24.51 -2.45
N ARG B 134 -3.65 -24.32 -1.64
CA ARG B 134 -3.55 -23.12 -0.84
C ARG B 134 -3.46 -21.88 -1.72
N TYR B 135 -2.73 -21.99 -2.84
CA TYR B 135 -2.53 -20.85 -3.73
C TYR B 135 -3.87 -20.45 -4.35
N ALA B 136 -4.67 -21.44 -4.77
CA ALA B 136 -6.02 -21.18 -5.29
C ALA B 136 -6.90 -20.43 -4.27
N ALA B 137 -6.91 -20.89 -3.01
CA ALA B 137 -7.67 -20.22 -1.97
C ALA B 137 -7.14 -18.80 -1.75
N PHE B 138 -5.83 -18.60 -1.84
CA PHE B 138 -5.28 -17.26 -1.73
C PHE B 138 -5.77 -16.41 -2.90
N ALA B 139 -5.73 -16.96 -4.12
CA ALA B 139 -6.09 -16.22 -5.32
C ALA B 139 -7.57 -15.85 -5.37
N GLU B 140 -8.43 -16.74 -4.86
CA GLU B 140 -9.85 -16.44 -4.72
C GLU B 140 -10.15 -15.27 -3.79
N LYS B 141 -9.49 -15.26 -2.64
CA LYS B 141 -9.63 -14.20 -1.67
C LYS B 141 -9.02 -12.91 -2.23
N THR B 142 -7.79 -13.00 -2.77
CA THR B 142 -7.05 -11.83 -3.18
C THR B 142 -7.63 -11.10 -4.40
N PHE B 143 -8.33 -11.82 -5.28
CA PHE B 143 -8.73 -11.27 -6.56
C PHE B 143 -10.23 -11.29 -6.69
N ASN B 144 -10.92 -11.91 -5.71
CA ASN B 144 -12.37 -12.02 -5.81
C ASN B 144 -12.80 -12.68 -7.12
N VAL B 145 -12.20 -13.85 -7.42
CA VAL B 145 -12.63 -14.71 -8.51
C VAL B 145 -12.78 -16.15 -8.01
N THR B 146 -13.34 -17.01 -8.88
CA THR B 146 -13.40 -18.45 -8.64
C THR B 146 -12.35 -19.18 -9.45
N ILE B 147 -11.60 -20.06 -8.78
CA ILE B 147 -10.63 -20.90 -9.46
C ILE B 147 -11.27 -22.27 -9.66
N PRO B 148 -11.14 -22.86 -10.88
CA PRO B 148 -11.74 -24.17 -11.14
C PRO B 148 -10.93 -25.24 -10.41
N ALA B 149 -11.56 -26.37 -10.06
CA ALA B 149 -10.82 -27.50 -9.53
C ALA B 149 -9.81 -27.99 -10.58
N ILE B 150 -8.55 -28.17 -10.19
CA ILE B 150 -7.48 -28.53 -11.11
C ILE B 150 -7.28 -30.06 -11.03
N PRO B 151 -7.04 -30.76 -12.16
CA PRO B 151 -6.66 -32.18 -12.11
C PRO B 151 -5.20 -32.29 -11.66
N TYR B 152 -5.00 -32.83 -10.46
CA TYR B 152 -3.68 -32.91 -9.85
C TYR B 152 -2.96 -34.12 -10.44
N GLU B 153 -1.66 -33.97 -10.72
CA GLU B 153 -0.97 -34.80 -11.70
C GLU B 153 -1.11 -34.07 -13.02
N GLN B 154 -0.27 -34.44 -14.00
CA GLN B 154 -0.06 -33.69 -15.24
C GLN B 154 0.39 -32.26 -14.95
N LEU B 155 1.10 -32.09 -13.83
CA LEU B 155 1.37 -30.82 -13.19
C LEU B 155 2.41 -31.14 -12.12
N GLU B 156 2.09 -32.15 -11.29
CA GLU B 156 3.07 -32.81 -10.42
C GLU B 156 4.42 -33.11 -11.05
N GLU B 157 4.38 -33.55 -12.32
CA GLU B 157 5.58 -33.92 -13.05
C GLU B 157 6.37 -32.75 -13.62
N LEU B 158 5.70 -31.61 -13.84
CA LEU B 158 6.33 -30.46 -14.48
C LEU B 158 7.24 -29.72 -13.50
N ASP B 159 8.18 -28.95 -14.03
CA ASP B 159 8.92 -28.00 -13.20
C ASP B 159 8.03 -26.82 -12.79
N ASP B 160 8.55 -25.90 -11.96
CA ASP B 160 7.69 -24.84 -11.40
C ASP B 160 7.07 -23.91 -12.44
N GLU B 161 7.86 -23.51 -13.45
CA GLU B 161 7.41 -22.66 -14.54
C GLU B 161 6.30 -23.37 -15.31
N GLY B 162 6.52 -24.66 -15.58
CA GLY B 162 5.54 -25.51 -16.25
C GLY B 162 4.25 -25.65 -15.44
N GLN B 163 4.38 -25.66 -14.11
CA GLN B 163 3.23 -25.77 -13.22
C GLN B 163 2.41 -24.50 -13.27
N VAL B 164 3.07 -23.34 -13.32
CA VAL B 164 2.31 -22.09 -13.31
C VAL B 164 1.70 -21.88 -14.70
N ARG B 165 2.43 -22.22 -15.76
CA ARG B 165 1.89 -22.14 -17.11
C ARG B 165 0.59 -22.95 -17.27
N PHE B 166 0.54 -24.15 -16.66
CA PHE B 166 -0.65 -25.00 -16.70
C PHE B 166 -1.80 -24.42 -15.86
N VAL B 167 -1.52 -23.90 -14.66
CA VAL B 167 -2.56 -23.29 -13.84
C VAL B 167 -3.16 -22.08 -14.56
N LEU B 168 -2.29 -21.32 -15.23
CA LEU B 168 -2.67 -20.19 -16.05
C LEU B 168 -3.67 -20.56 -17.14
N ASP B 169 -3.31 -21.56 -17.96
CA ASP B 169 -4.19 -21.96 -19.04
C ASP B 169 -5.52 -22.48 -18.48
N ALA B 170 -5.47 -23.11 -17.29
CA ALA B 170 -6.66 -23.66 -16.67
C ALA B 170 -7.58 -22.55 -16.14
N VAL B 171 -7.02 -21.55 -15.46
CA VAL B 171 -7.83 -20.44 -14.99
C VAL B 171 -8.49 -19.67 -16.16
N SER B 172 -7.68 -19.41 -17.19
CA SER B 172 -8.16 -18.80 -18.43
C SER B 172 -9.27 -19.57 -19.12
N GLN B 173 -9.08 -20.88 -19.36
CA GLN B 173 -10.07 -21.65 -20.08
C GLN B 173 -11.41 -21.76 -19.34
N SER B 174 -11.38 -21.59 -18.01
CA SER B 174 -12.59 -21.48 -17.19
C SER B 174 -13.35 -20.15 -17.32
N GLY B 175 -12.73 -19.16 -17.98
CA GLY B 175 -13.41 -17.95 -18.38
C GLY B 175 -13.04 -16.72 -17.54
N VAL B 176 -12.04 -16.82 -16.65
CA VAL B 176 -11.50 -15.63 -16.03
C VAL B 176 -10.34 -15.12 -16.88
N GLN B 177 -10.52 -13.94 -17.50
CA GLN B 177 -9.46 -13.26 -18.22
C GLN B 177 -8.63 -12.46 -17.21
N ILE B 178 -7.35 -12.82 -17.08
CA ILE B 178 -6.44 -12.13 -16.18
C ILE B 178 -5.58 -11.15 -16.97
N PRO B 179 -5.49 -9.88 -16.52
CA PRO B 179 -4.59 -8.93 -17.18
C PRO B 179 -3.18 -9.52 -17.24
N ALA B 180 -2.49 -9.32 -18.36
CA ALA B 180 -1.11 -9.77 -18.47
C ALA B 180 -0.23 -9.31 -17.29
N GLY B 181 -0.39 -8.04 -16.86
CA GLY B 181 0.30 -7.52 -15.68
C GLY B 181 0.21 -8.42 -14.46
N ILE B 182 -1.00 -8.99 -14.24
CA ILE B 182 -1.26 -9.79 -13.04
C ILE B 182 -0.72 -11.21 -13.18
N ILE B 183 -0.95 -11.83 -14.34
CA ILE B 183 -0.27 -13.08 -14.71
C ILE B 183 1.23 -13.04 -14.45
N GLU B 184 1.86 -12.00 -15.02
CA GLU B 184 3.28 -11.79 -14.89
C GLU B 184 3.73 -11.67 -13.43
N HIS B 185 3.06 -10.77 -12.71
CA HIS B 185 3.33 -10.55 -11.31
C HIS B 185 3.24 -11.86 -10.53
N GLN B 186 2.17 -12.62 -10.71
CA GLN B 186 1.95 -13.77 -9.83
C GLN B 186 2.92 -14.91 -10.15
N ARG B 187 3.17 -15.12 -11.45
CA ARG B 187 4.19 -16.07 -11.88
C ARG B 187 5.55 -15.77 -11.24
N THR B 188 6.02 -14.53 -11.36
CA THR B 188 7.35 -14.21 -10.90
C THR B 188 7.44 -14.28 -9.39
N SER B 189 6.42 -13.85 -8.68
CA SER B 189 6.37 -14.03 -7.22
C SER B 189 6.44 -15.49 -6.78
N TYR B 190 5.71 -16.35 -7.49
CA TYR B 190 5.68 -17.76 -7.16
C TYR B 190 7.07 -18.35 -7.39
N LEU B 191 7.72 -17.93 -8.48
CA LEU B 191 9.04 -18.45 -8.78
C LEU B 191 10.08 -17.93 -7.78
N ASP B 192 9.92 -16.70 -7.29
CA ASP B 192 10.77 -16.19 -6.21
C ASP B 192 10.62 -17.00 -4.92
N ASN B 193 9.39 -17.41 -4.61
CA ASN B 193 9.15 -18.30 -3.49
C ASN B 193 9.94 -19.60 -3.61
N ARG B 194 9.96 -20.16 -4.82
CA ARG B 194 10.62 -21.44 -5.06
C ARG B 194 12.15 -21.28 -5.04
N ALA B 195 12.66 -20.18 -5.59
CA ALA B 195 14.07 -19.83 -5.44
C ALA B 195 14.48 -19.84 -3.97
N ILE B 196 13.76 -19.11 -3.10
CA ILE B 196 14.09 -19.08 -1.68
C ILE B 196 14.08 -20.49 -1.08
N ASP B 197 13.04 -21.26 -1.38
CA ASP B 197 12.83 -22.57 -0.77
C ASP B 197 13.95 -23.57 -1.08
N THR B 198 14.45 -23.54 -2.33
CA THR B 198 15.45 -24.50 -2.77
C THR B 198 16.87 -24.02 -2.50
N ALA B 199 17.05 -22.75 -2.12
CA ALA B 199 18.38 -22.28 -1.70
C ALA B 199 18.77 -22.86 -0.34
N GLN B 200 20.06 -23.21 -0.18
CA GLN B 200 20.65 -23.48 1.13
C GLN B 200 21.32 -22.20 1.63
N ILE B 201 20.94 -21.77 2.84
CA ILE B 201 21.56 -20.62 3.47
C ILE B 201 22.97 -20.99 3.90
N GLN B 202 23.94 -20.15 3.54
CA GLN B 202 25.34 -20.35 3.86
C GLN B 202 25.72 -19.57 5.11
N PRO B 203 26.70 -20.05 5.91
CA PRO B 203 27.19 -19.30 7.06
C PRO B 203 27.76 -17.94 6.68
N TYR B 204 27.70 -16.99 7.61
CA TYR B 204 28.21 -15.65 7.37
C TYR B 204 28.78 -15.10 8.66
N ASP B 205 30.07 -14.72 8.68
CA ASP B 205 30.70 -14.22 9.88
C ASP B 205 30.76 -12.70 10.02
N GLY B 206 30.01 -11.98 9.16
CA GLY B 206 29.76 -10.56 9.35
C GLY B 206 28.68 -10.28 10.40
N HIS B 207 28.46 -8.98 10.67
CA HIS B 207 27.38 -8.54 11.52
C HIS B 207 26.08 -8.51 10.71
N VAL B 208 25.05 -9.19 11.23
CA VAL B 208 23.73 -9.12 10.66
C VAL B 208 22.79 -8.61 11.74
N THR B 209 21.94 -7.67 11.34
CA THR B 209 20.83 -7.26 12.18
C THR B 209 19.54 -7.83 11.60
N LEU B 210 18.81 -8.55 12.45
CA LEU B 210 17.49 -9.02 12.10
C LEU B 210 16.46 -8.23 12.90
N TYR B 211 15.65 -7.44 12.16
CA TYR B 211 14.51 -6.73 12.71
C TYR B 211 13.33 -7.68 12.64
N MET B 212 12.73 -7.99 13.78
CA MET B 212 11.89 -9.16 13.90
C MET B 212 10.47 -8.74 14.28
N ALA B 213 9.51 -8.95 13.39
CA ALA B 213 8.11 -8.73 13.70
C ALA B 213 7.57 -9.89 14.57
N ASP B 214 6.33 -9.79 15.03
CA ASP B 214 5.70 -10.77 15.91
C ASP B 214 5.17 -12.00 15.15
N ARG B 215 4.58 -11.76 13.96
CA ARG B 215 4.06 -12.86 13.17
C ARG B 215 3.97 -12.52 11.69
N TYR B 216 3.76 -13.57 10.91
CA TYR B 216 3.46 -13.46 9.50
C TYR B 216 1.98 -13.05 9.45
N HIS B 217 1.66 -12.23 8.45
CA HIS B 217 0.30 -11.79 8.20
C HIS B 217 -0.54 -12.97 7.68
N ASP B 218 -1.86 -12.77 7.59
CA ASP B 218 -2.77 -13.85 7.24
C ASP B 218 -2.58 -14.47 5.85
N ASP B 219 -2.30 -13.66 4.83
CA ASP B 219 -2.10 -14.19 3.49
C ASP B 219 -0.90 -15.13 3.35
N ALA B 220 0.18 -14.80 4.04
CA ALA B 220 1.31 -15.70 4.16
C ALA B 220 0.94 -17.02 4.81
N ILE B 221 0.21 -16.98 5.93
CA ILE B 221 -0.15 -18.20 6.62
C ILE B 221 -1.17 -19.01 5.81
N MET B 222 -2.01 -18.32 5.05
CA MET B 222 -2.95 -18.99 4.18
C MET B 222 -2.16 -19.74 3.09
N PHE B 223 -1.13 -19.10 2.55
CA PHE B 223 -0.33 -19.69 1.48
C PHE B 223 0.53 -20.86 1.95
N GLU B 224 1.18 -20.66 3.12
CA GLU B 224 2.08 -21.62 3.71
C GLU B 224 1.87 -21.63 5.22
N PRO B 225 1.09 -22.61 5.76
CA PRO B 225 0.80 -22.70 7.19
C PRO B 225 1.98 -22.69 8.17
N ARG B 226 3.14 -23.20 7.74
CA ARG B 226 4.34 -23.28 8.56
C ARG B 226 4.90 -21.91 8.92
N TYR B 227 4.48 -20.88 8.20
CA TYR B 227 4.82 -19.53 8.56
C TYR B 227 4.14 -19.11 9.86
N ALA B 228 3.22 -19.95 10.36
CA ALA B 228 2.48 -19.65 11.57
C ALA B 228 3.35 -19.76 12.82
N VAL B 229 4.52 -20.41 12.69
CA VAL B 229 5.46 -20.58 13.79
C VAL B 229 6.80 -19.99 13.35
N ARG B 230 7.46 -19.29 14.28
CA ARG B 230 8.73 -18.62 14.09
C ARG B 230 9.73 -19.07 15.14
N GLN B 231 11.00 -19.25 14.76
CA GLN B 231 12.06 -19.41 15.74
C GLN B 231 12.38 -18.02 16.29
N PRO B 232 12.92 -17.86 17.54
CA PRO B 232 13.23 -16.52 18.07
C PRO B 232 14.23 -15.73 17.23
N ASP B 233 15.14 -16.43 16.56
CA ASP B 233 16.17 -15.83 15.71
C ASP B 233 15.81 -15.86 14.23
N GLY B 234 14.59 -16.30 13.91
CA GLY B 234 14.13 -16.36 12.53
C GLY B 234 14.80 -17.42 11.66
N GLY B 235 15.52 -18.36 12.29
CA GLY B 235 16.23 -19.41 11.58
C GLY B 235 17.68 -19.08 11.28
N TRP B 236 18.11 -17.87 11.67
CA TRP B 236 19.40 -17.36 11.23
C TRP B 236 20.56 -17.61 12.18
N GLY B 237 20.29 -17.91 13.46
CA GLY B 237 21.36 -18.09 14.43
C GLY B 237 22.30 -19.25 14.11
N GLU B 238 21.76 -20.28 13.47
CA GLU B 238 22.54 -21.40 12.97
C GLU B 238 23.66 -20.95 12.02
N TYR B 239 23.44 -19.89 11.25
CA TYR B 239 24.35 -19.47 10.19
C TYR B 239 25.15 -18.21 10.49
N VAL B 240 24.69 -17.42 11.46
CA VAL B 240 25.29 -16.12 11.74
C VAL B 240 25.72 -16.07 13.20
N SER B 241 27.03 -16.07 13.47
CA SER B 241 27.53 -15.99 14.82
C SER B 241 27.24 -14.65 15.52
N ASP B 242 27.40 -13.54 14.78
CA ASP B 242 27.15 -12.19 15.27
C ASP B 242 25.81 -11.69 14.74
N LEU B 243 24.72 -12.21 15.33
CA LEU B 243 23.36 -11.89 14.92
C LEU B 243 22.72 -11.02 15.99
N GLU B 244 22.36 -9.78 15.62
CA GLU B 244 21.64 -8.88 16.48
C GLU B 244 20.15 -8.91 16.15
N VAL B 245 19.32 -9.23 17.14
CA VAL B 245 17.89 -9.34 16.93
C VAL B 245 17.19 -8.15 17.55
N VAL B 246 16.57 -7.32 16.71
CA VAL B 246 15.87 -6.14 17.15
C VAL B 246 14.36 -6.41 17.00
N PRO B 247 13.58 -6.48 18.08
CA PRO B 247 12.11 -6.61 17.95
C PRO B 247 11.41 -5.32 17.53
N ILE B 248 10.55 -5.41 16.50
CA ILE B 248 9.78 -4.29 16.00
C ILE B 248 8.26 -4.48 16.09
N GLY B 249 7.82 -5.67 16.52
CA GLY B 249 6.39 -5.97 16.66
C GLY B 249 5.65 -6.08 15.33
N GLY B 250 4.32 -6.23 15.45
CA GLY B 250 3.43 -6.18 14.30
C GLY B 250 3.58 -7.37 13.36
N GLU B 251 3.02 -7.27 12.17
CA GLU B 251 3.09 -8.35 11.18
C GLU B 251 4.11 -8.08 10.10
N HIS B 252 4.54 -9.17 9.45
CA HIS B 252 5.50 -9.12 8.38
C HIS B 252 5.18 -7.99 7.39
N ILE B 253 3.91 -7.87 7.00
CA ILE B 253 3.50 -6.95 5.95
C ILE B 253 3.53 -5.48 6.39
N GLN B 254 3.40 -5.24 7.70
CA GLN B 254 3.43 -3.91 8.26
C GLN B 254 4.83 -3.37 8.51
N ALA B 255 5.84 -4.24 8.33
CA ALA B 255 7.21 -3.91 8.73
C ALA B 255 7.83 -2.75 7.95
N ILE B 256 7.31 -2.52 6.74
CA ILE B 256 7.85 -1.56 5.79
C ILE B 256 7.06 -0.26 5.82
N ASP B 257 5.95 -0.25 6.56
CA ASP B 257 5.04 0.86 6.64
C ASP B 257 5.27 1.61 7.95
N GLU B 258 4.79 2.85 8.01
CA GLU B 258 4.64 3.58 9.26
C GLU B 258 3.54 2.92 10.08
N PRO B 259 3.61 2.89 11.43
CA PRO B 259 4.72 3.46 12.20
C PRO B 259 5.94 2.57 12.45
N ILE B 260 5.82 1.27 12.17
CA ILE B 260 6.81 0.31 12.58
C ILE B 260 8.20 0.56 11.98
N ILE B 261 8.23 1.05 10.74
CA ILE B 261 9.48 1.32 10.07
C ILE B 261 10.29 2.42 10.77
N ALA B 262 9.65 3.18 11.67
CA ALA B 262 10.35 4.17 12.47
C ALA B 262 11.37 3.54 13.41
N LYS B 263 11.05 2.34 13.92
CA LYS B 263 11.93 1.61 14.81
C LYS B 263 13.14 1.03 14.08
N VAL B 264 12.87 0.41 12.94
CA VAL B 264 13.92 0.01 12.02
C VAL B 264 14.82 1.21 11.71
N GLY B 265 14.24 2.29 11.22
CA GLY B 265 15.01 3.47 10.82
C GLY B 265 15.80 4.15 11.92
N GLU B 266 15.25 4.19 13.15
CA GLU B 266 15.94 4.74 14.30
C GLU B 266 17.21 3.94 14.58
N HIS B 267 17.04 2.62 14.77
CA HIS B 267 18.15 1.71 15.00
C HIS B 267 19.15 1.81 13.84
N MET B 268 18.67 1.70 12.61
CA MET B 268 19.55 1.68 11.47
C MET B 268 20.35 2.98 11.36
N SER B 269 19.76 4.12 11.70
CA SER B 269 20.47 5.39 11.67
C SER B 269 21.69 5.43 12.58
N ARG B 270 21.55 4.88 13.79
CA ARG B 270 22.69 4.77 14.68
C ARG B 270 23.82 3.93 14.07
N ALA B 271 23.48 2.77 13.49
CA ALA B 271 24.45 1.97 12.75
C ALA B 271 25.20 2.79 11.69
N LEU B 272 24.45 3.58 10.91
CA LEU B 272 24.99 4.38 9.81
C LEU B 272 25.88 5.47 10.34
N GLY B 273 25.46 6.07 11.47
CA GLY B 273 26.25 7.03 12.19
C GLY B 273 27.62 6.50 12.59
N GLN B 274 27.67 5.29 13.16
CA GLN B 274 28.94 4.69 13.53
C GLN B 274 29.87 4.64 12.32
N ILE B 275 29.34 4.08 11.23
CA ILE B 275 30.08 3.90 10.00
C ILE B 275 30.57 5.22 9.42
N GLU B 276 29.78 6.30 9.52
CA GLU B 276 30.21 7.59 9.01
C GLU B 276 31.33 8.19 9.86
N ALA B 277 31.21 8.05 11.18
CA ALA B 277 32.25 8.49 12.11
C ALA B 277 33.64 7.90 11.82
N ASP B 278 33.67 6.68 11.26
CA ASP B 278 34.92 5.94 11.06
C ASP B 278 35.56 6.11 9.69
N ARG B 279 34.77 6.37 8.64
CA ARG B 279 35.36 6.65 7.34
C ARG B 279 36.47 7.70 7.51
N THR B 280 36.28 8.59 8.48
CA THR B 280 37.16 9.74 8.69
C THR B 280 38.34 9.42 9.68
C10 QU0 C . -18.61 11.77 6.41
C17 QU0 C . -15.36 15.61 6.09
C20 QU0 C . -18.96 15.56 7.26
C21 QU0 C . -19.64 15.29 6.06
C22 QU0 C . -18.92 15.10 4.88
C24 QU0 C . -13.35 14.39 5.53
C26 QU0 C . -12.82 12.98 5.14
C01 QU0 C . -21.15 9.68 9.75
C02 QU0 C . -21.97 10.96 9.81
C03 QU0 C . -21.48 12.12 8.90
C04 QU0 C . -22.49 12.34 7.75
C05 QU0 C . -21.49 13.38 9.76
C06 QU0 C . -20.09 11.99 8.28
C07 QU0 C . -19.03 12.10 9.18
C08 QU0 C . -17.74 12.03 8.71
C09 QU0 C . -17.53 11.85 7.33
C11 QU0 C . -19.89 11.86 6.89
S12 QU0 C . -15.80 11.75 6.72
O13 QU0 C . -15.87 11.19 5.35
O14 QU0 C . -14.89 10.87 7.49
N15 QU0 C . -15.08 13.34 6.87
C16 QU0 C . -14.82 14.25 5.76
C18 QU0 C . -16.86 15.53 6.08
C19 QU0 C . -17.55 15.67 7.27
C23 QU0 C . -17.52 15.21 4.88
O25 QU0 C . -12.65 14.80 6.67
C27 QU0 C . -11.34 13.19 4.92
N28 QU0 C . -10.36 12.77 5.74
C29 QU0 C . -9.17 13.19 5.22
N30 QU0 C . -9.47 13.90 4.10
O31 QU0 C . -10.84 13.92 3.93
N32 QU0 C . -7.85 12.90 5.75
C33 QU0 C . -6.66 13.46 5.17
C34 QU0 C . -7.64 11.99 6.88
C10 QU0 D . -24.11 12.89 2.32
C17 QU0 D . -28.47 13.12 4.84
C20 QU0 D . -31.23 11.30 2.89
C21 QU0 D . -30.70 10.02 2.81
C22 QU0 D . -29.45 9.74 3.35
C24 QU0 D . -28.12 14.68 2.94
C26 QU0 D . -27.13 15.03 1.83
C01 QU0 D . -25.20 14.67 -1.80
C02 QU0 D . -23.92 13.78 -1.76
C03 QU0 D . -22.70 14.21 -0.91
C04 QU0 D . -21.54 13.24 -1.07
C05 QU0 D . -22.31 15.61 -1.41
C06 QU0 D . -23.17 14.19 0.56
C07 QU0 D . -23.25 15.38 1.32
C08 QU0 D . -23.74 15.29 2.60
C09 QU0 D . -24.17 14.05 3.09
C11 QU0 D . -23.59 12.96 1.05
S12 QU0 D . -24.85 13.93 4.81
O13 QU0 D . -24.96 12.50 5.21
O14 QU0 D . -23.85 14.60 5.73
N15 QU0 D . -26.45 14.58 4.73
C16 QU0 D . -27.41 13.79 3.96
C18 QU0 D . -29.26 12.03 4.10
C19 QU0 D . -30.52 12.32 3.56
C23 QU0 D . -28.71 10.76 3.98
O25 QU0 D . -28.66 15.79 3.59
C27 QU0 D . -28.00 15.66 0.77
N28 QU0 D . -27.81 16.83 0.19
C29 QU0 D . -28.88 17.02 -0.65
N30 QU0 D . -29.70 15.97 -0.56
O31 QU0 D . -29.14 15.13 0.33
N32 QU0 D . -29.09 18.20 -1.46
C33 QU0 D . -30.21 18.27 -2.36
C34 QU0 D . -28.20 19.35 -1.28
C10 QU0 E . 5.38 -16.39 -1.11
C17 QU0 E . 6.38 -14.34 3.23
C20 QU0 E . 4.40 -12.07 0.99
C21 QU0 E . 3.28 -12.85 0.72
C22 QU0 E . 3.19 -14.14 1.25
C24 QU0 E . 8.82 -14.48 3.24
C26 QU0 E . 9.96 -14.54 2.28
C01 QU0 E . 2.79 -16.30 -5.12
C02 QU0 E . 2.07 -16.46 -3.77
C03 QU0 E . 2.27 -15.24 -2.87
C04 QU0 E . 1.29 -15.37 -1.69
C05 QU0 E . 1.98 -14.00 -3.71
C06 QU0 E . 3.66 -15.19 -2.24
C07 QU0 E . 4.42 -14.02 -2.14
C08 QU0 E . 5.68 -14.05 -1.55
C09 QU0 E . 6.14 -15.26 -1.03
C11 QU0 E . 4.15 -16.36 -1.70
S12 QU0 E . 7.75 -15.44 -0.22
O13 QU0 E . 8.40 -16.62 -0.74
O14 QU0 E . 8.55 -14.24 -0.57
N15 QU0 E . 7.57 -15.63 1.50
C16 QU0 E . 7.61 -14.43 2.36
C18 QU0 E . 5.28 -13.83 2.35
C19 QU0 E . 5.39 -12.56 1.82
C23 QU0 E . 4.21 -14.63 2.06
O25 QU0 E . 8.91 -15.63 4.02
C27 QU0 E . 11.16 -14.73 3.12
N28 QU0 E . 11.72 -15.92 3.34
C29 QU0 E . 12.80 -15.70 4.12
N30 QU0 E . 12.84 -14.38 4.34
O31 QU0 E . 11.79 -13.75 3.74
N32 QU0 E . 13.71 -16.72 4.59
C33 QU0 E . 14.84 -16.30 5.40
C34 QU0 E . 13.48 -18.13 4.24
C10 QU0 F . 2.01 -8.18 -3.72
C17 QU0 F . -2.39 -9.07 -5.56
C20 QU0 F . -0.63 -7.93 -8.72
C21 QU0 F . -1.48 -6.94 -9.19
C22 QU0 F . -2.65 -6.63 -8.47
C24 QU0 F . -2.11 -7.10 -3.93
C26 QU0 F . -1.02 -6.33 -3.16
C01 QU0 F . 2.36 -4.33 -0.37
C02 QU0 F . 3.78 -4.91 -0.57
C03 QU0 F . 4.01 -5.57 -1.95
C04 QU0 F . 3.50 -4.48 -2.93
C05 QU0 F . 5.46 -5.93 -2.21
C06 QU0 F . 3.10 -6.78 -2.14
C07 QU0 F . 2.49 -7.46 -1.08
C08 QU0 F . 1.63 -8.50 -1.34
C09 QU0 F . 1.41 -8.87 -2.68
C11 QU0 F . 2.84 -7.14 -3.46
S12 QU0 F . 0.24 -10.18 -3.16
O13 QU0 F . 0.64 -10.89 -4.40
O14 QU0 F . 0.14 -11.20 -2.08
N15 QU0 F . -1.29 -9.41 -3.35
C16 QU0 F . -1.51 -8.43 -4.43
C18 QU0 F . -2.09 -8.32 -6.85
C19 QU0 F . -0.93 -8.62 -7.56
C23 QU0 F . -2.95 -7.32 -7.30
O25 QU0 F . -3.22 -7.33 -3.07
C27 QU0 F . -1.48 -4.99 -2.71
N28 QU0 F . -1.61 -4.55 -1.45
C29 QU0 F . -2.11 -3.29 -1.53
N30 QU0 F . -2.28 -2.98 -2.82
O31 QU0 F . -1.88 -4.04 -3.53
N32 QU0 F . -2.39 -2.40 -0.43
C33 QU0 F . -2.36 -0.95 -0.66
C34 QU0 F . -2.69 -2.96 0.87
S SO4 G . 36.29 -8.16 8.15
O1 SO4 G . 34.90 -8.31 8.51
O2 SO4 G . 36.70 -6.78 8.23
O3 SO4 G . 37.11 -8.94 9.07
O4 SO4 G . 36.48 -8.63 6.80
S SO4 H . 8.01 10.65 14.76
O1 SO4 H . 7.48 11.33 15.93
O2 SO4 H . 6.98 10.57 13.76
O3 SO4 H . 8.43 9.31 15.14
O4 SO4 H . 9.13 11.37 14.23
#